data_4CFG
#
_entry.id   4CFG
#
_cell.length_a   56.880
_cell.length_b   68.780
_cell.length_c   100.210
_cell.angle_alpha   90.00
_cell.angle_beta   90.00
_cell.angle_gamma   90.00
#
_symmetry.space_group_name_H-M   'P 21 21 2'
#
loop_
_entity.id
_entity.type
_entity.pdbx_description
1 polymer 'E3 UBIQUITIN/ISG15 LIGASE TRIM25'
2 water water
#
_entity_poly.entity_id   1
_entity_poly.type   'polypeptide(L)'
_entity_poly.pdbx_seq_one_letter_code
;(MSE)AELCPLAEELSCSICLEPFKEPVTTPCGHNFCGSCLNETWAVQGSPYLCPQCRAVYQARPQLHKNTVLCNVVEQF
LQADLAREPPADVWTPPARASAPSPNAQVACDHCLKEAAVKTCLVC(MSE)ASFCQEHLQPHFDSPAFQDHPLQPPVRDL
LRRKCSQHNRLREFFCPEHSECICHICLVEHKTCSPASLSQASADLEATLRHKLTV(MSE)YSQINGASRALDDVRNRQQ
DVR(MSE)TANRKVEQLQQEYTE(MSE)KALLDASETTSTRKIKEEEKRVNSQFDTIYQILLKKKSEIQTLKEEIEQSLT
KRDEFEFLEKASKLRGISTQPVYIPEVELNHKLIKGIHQSTIDLKNELKQCIGRLQEPTPSSGDPGEHDPASTHKSTRPV
KKVSKEEKKSKKPPPVPALPSKLPTFGAPEQLVDLKQAGLEAAAKATSSHPNSTSLKAKVLETFLAKSRPELLEYYIKVI
LDYNTAHNKVALSECYTVASVAE(MSE)PQNYRPHPQRFTYCSQVLGLHCYKKGIHYWEVELQKNNFCGVGICYGS
(MSE)NRQGPESRLGRNSASWCVEWFNTKISAWHNNVEKTLPSTKATRVGVLLNCDHGFVIFFAVADKVHL(MSE)YKFR
VDFTEALYPAFWVFSAGATLSICSPK
;
_entity_poly.pdbx_strand_id   A,B
#
# COMPACT_ATOMS: atom_id res chain seq x y z
N ALA A 194 -6.48 -24.25 -77.99
CA ALA A 194 -5.84 -25.45 -77.35
C ALA A 194 -4.76 -25.01 -76.39
N SER A 195 -3.54 -25.52 -76.58
CA SER A 195 -2.37 -25.15 -75.74
C SER A 195 -2.05 -23.66 -75.73
N ALA A 196 -2.63 -22.89 -76.66
CA ALA A 196 -2.50 -21.42 -76.64
C ALA A 196 -3.11 -20.87 -75.35
N ASP A 197 -4.36 -21.24 -75.12
CA ASP A 197 -5.15 -20.73 -74.00
C ASP A 197 -4.62 -21.19 -72.65
N LEU A 198 -4.30 -22.48 -72.56
CA LEU A 198 -3.77 -23.09 -71.33
C LEU A 198 -2.59 -22.34 -70.77
N GLU A 199 -1.55 -22.19 -71.60
CA GLU A 199 -0.32 -21.57 -71.13
C GLU A 199 -0.57 -20.14 -70.66
N ALA A 200 -1.45 -19.42 -71.37
CA ALA A 200 -1.81 -18.05 -71.00
C ALA A 200 -2.61 -18.01 -69.70
N THR A 201 -3.45 -19.01 -69.47
CA THR A 201 -4.15 -19.12 -68.17
C THR A 201 -3.11 -19.31 -67.06
N LEU A 202 -2.16 -20.21 -67.28
CA LEU A 202 -1.08 -20.41 -66.32
C LEU A 202 -0.30 -19.12 -66.01
N ARG A 203 -0.03 -18.31 -67.02
CA ARG A 203 0.73 -17.06 -66.82
C ARG A 203 -0.02 -16.19 -65.86
N HIS A 204 -1.32 -16.07 -66.08
CA HIS A 204 -2.15 -15.23 -65.26
C HIS A 204 -2.21 -15.81 -63.86
N LYS A 205 -2.30 -17.14 -63.76
CA LYS A 205 -2.35 -17.80 -62.44
C LYS A 205 -1.09 -17.49 -61.67
N LEU A 206 0.04 -17.63 -62.33
CA LEU A 206 1.29 -17.40 -61.68
C LEU A 206 1.30 -15.99 -61.06
N THR A 207 0.71 -15.03 -61.75
CA THR A 207 0.77 -13.71 -61.22
C THR A 207 -0.31 -13.49 -60.20
N VAL A 208 -1.39 -14.27 -60.21
CA VAL A 208 -2.32 -14.22 -59.09
C VAL A 208 -1.56 -14.74 -57.86
N MSE A 209 -0.97 -15.91 -58.01
CA MSE A 209 -0.24 -16.57 -56.94
C MSE A 209 0.89 -15.79 -56.38
O MSE A 209 0.90 -15.53 -55.17
CB MSE A 209 0.31 -17.89 -57.42
CG MSE A 209 -0.83 -18.86 -57.37
SE MSE A 209 -0.41 -20.57 -58.21
CE MSE A 209 -1.55 -21.44 -56.87
N TYR A 210 1.84 -15.42 -57.21
CA TYR A 210 2.95 -14.63 -56.72
C TYR A 210 2.43 -13.50 -55.84
N SER A 211 1.31 -12.90 -56.20
CA SER A 211 0.82 -11.79 -55.41
C SER A 211 0.23 -12.27 -54.09
N GLN A 212 -0.47 -13.39 -54.12
CA GLN A 212 -0.99 -13.99 -52.88
C GLN A 212 0.14 -14.39 -51.93
N ILE A 213 1.32 -14.69 -52.46
CA ILE A 213 2.41 -15.04 -51.57
C ILE A 213 2.82 -13.81 -50.81
N ASN A 214 2.85 -12.66 -51.48
CA ASN A 214 3.07 -11.43 -50.73
C ASN A 214 1.96 -11.04 -49.82
N GLY A 215 0.73 -11.31 -50.20
CA GLY A 215 -0.36 -11.17 -49.26
C GLY A 215 -0.06 -11.95 -47.97
N ALA A 216 0.46 -13.16 -48.14
CA ALA A 216 0.70 -14.04 -47.04
C ALA A 216 1.81 -13.46 -46.19
N SER A 217 2.90 -13.02 -46.82
CA SER A 217 3.97 -12.38 -46.04
C SER A 217 3.55 -11.10 -45.37
N ARG A 218 2.75 -10.29 -46.03
CA ARG A 218 2.17 -9.11 -45.39
C ARG A 218 1.25 -9.52 -44.26
N ALA A 219 0.51 -10.60 -44.44
CA ALA A 219 -0.44 -11.01 -43.42
C ALA A 219 0.33 -11.48 -42.22
N LEU A 220 1.45 -12.16 -42.44
CA LEU A 220 2.26 -12.65 -41.34
C LEU A 220 2.83 -11.48 -40.59
N ASP A 221 3.32 -10.48 -41.28
CA ASP A 221 3.88 -9.32 -40.57
C ASP A 221 2.77 -8.65 -39.81
N ASP A 222 1.58 -8.67 -40.38
CA ASP A 222 0.45 -8.02 -39.78
C ASP A 222 0.18 -8.64 -38.44
N VAL A 223 0.20 -9.97 -38.34
CA VAL A 223 -0.17 -10.55 -37.05
C VAL A 223 0.91 -10.29 -36.05
N ARG A 224 2.16 -10.33 -36.47
CA ARG A 224 3.24 -10.09 -35.51
C ARG A 224 3.09 -8.70 -34.98
N ASN A 225 2.58 -7.81 -35.80
CA ASN A 225 2.42 -6.44 -35.37
C ASN A 225 1.21 -6.27 -34.51
N ARG A 226 0.14 -7.04 -34.77
CA ARG A 226 -1.01 -6.94 -33.90
C ARG A 226 -0.63 -7.52 -32.56
N GLN A 227 0.34 -8.40 -32.53
CA GLN A 227 0.72 -9.07 -31.30
C GLN A 227 1.48 -8.11 -30.42
N GLN A 228 2.36 -7.31 -31.01
CA GLN A 228 3.09 -6.27 -30.24
C GLN A 228 2.08 -5.28 -29.67
N ASP A 229 1.14 -4.85 -30.50
CA ASP A 229 0.14 -3.92 -30.05
C ASP A 229 -0.61 -4.47 -28.86
N VAL A 230 -0.99 -5.73 -28.94
CA VAL A 230 -1.68 -6.40 -27.85
C VAL A 230 -0.78 -6.40 -26.61
N ARG A 231 0.51 -6.70 -26.78
CA ARG A 231 1.46 -6.63 -25.69
C ARG A 231 1.59 -5.24 -25.12
N MSE A 232 1.70 -4.23 -25.98
CA MSE A 232 1.79 -2.85 -25.54
C MSE A 232 0.52 -2.50 -24.76
O MSE A 232 0.62 -2.15 -23.59
CB MSE A 232 2.17 -1.93 -26.69
CG MSE A 232 3.62 -2.00 -27.28
SE MSE A 232 5.16 -2.24 -26.01
CE MSE A 232 6.40 -0.79 -26.63
N THR A 233 -0.66 -2.67 -25.31
CA THR A 233 -1.87 -2.38 -24.56
C THR A 233 -2.06 -3.14 -23.24
N ALA A 234 -1.61 -4.38 -23.14
CA ALA A 234 -1.78 -5.11 -21.89
C ALA A 234 -0.94 -4.41 -20.85
N ASN A 235 0.34 -4.25 -21.17
CA ASN A 235 1.29 -3.68 -20.23
C ASN A 235 0.84 -2.31 -19.78
N ARG A 236 0.33 -1.51 -20.71
CA ARG A 236 -0.21 -0.20 -20.34
C ARG A 236 -1.18 -0.44 -19.23
N LYS A 237 -2.13 -1.34 -19.43
CA LYS A 237 -3.21 -1.45 -18.49
C LYS A 237 -2.74 -2.04 -17.17
N VAL A 238 -1.72 -2.89 -17.16
CA VAL A 238 -1.18 -3.33 -15.87
C VAL A 238 -0.55 -2.13 -15.20
N GLU A 239 0.34 -1.45 -15.91
CA GLU A 239 1.06 -0.32 -15.36
C GLU A 239 0.08 0.73 -14.85
N GLN A 240 -1.07 0.89 -15.52
CA GLN A 240 -2.12 1.78 -15.01
C GLN A 240 -2.81 1.23 -13.77
N LEU A 241 -3.07 -0.07 -13.74
CA LEU A 241 -3.73 -0.70 -12.60
C LEU A 241 -2.78 -0.60 -11.45
N GLN A 242 -1.52 -0.85 -11.72
CA GLN A 242 -0.50 -0.74 -10.71
C GLN A 242 -0.50 0.63 -10.04
N GLN A 243 -0.63 1.70 -10.82
CA GLN A 243 -0.61 3.04 -10.21
C GLN A 243 -1.74 3.24 -9.20
N GLU A 244 -2.98 2.94 -9.57
CA GLU A 244 -4.10 3.00 -8.62
C GLU A 244 -3.63 2.49 -7.27
N TYR A 245 -3.15 1.26 -7.22
CA TYR A 245 -2.81 0.67 -5.94
C TYR A 245 -1.69 1.47 -5.26
N THR A 246 -0.72 1.98 -6.03
CA THR A 246 0.32 2.79 -5.39
C THR A 246 -0.33 3.99 -4.71
N GLU A 247 -1.23 4.64 -5.43
CA GLU A 247 -1.95 5.79 -4.93
C GLU A 247 -2.83 5.39 -3.74
N MSE A 248 -3.40 4.18 -3.79
CA MSE A 248 -4.21 3.69 -2.70
C MSE A 248 -3.26 3.62 -1.54
O MSE A 248 -3.56 4.10 -0.46
CB MSE A 248 -4.88 2.34 -3.01
CG MSE A 248 -5.90 2.35 -4.15
SE MSE A 248 -7.27 0.91 -3.98
CE MSE A 248 -7.08 0.32 -5.84
N LYS A 249 -2.08 3.05 -1.72
CA LYS A 249 -1.18 2.89 -0.59
C LYS A 249 -0.79 4.27 -0.02
N ALA A 250 -0.55 5.26 -0.87
CA ALA A 250 -0.24 6.59 -0.35
C ALA A 250 -1.35 7.05 0.58
N LEU A 251 -2.61 6.87 0.16
CA LEU A 251 -3.74 7.29 0.99
C LEU A 251 -3.79 6.53 2.32
N LEU A 252 -3.59 5.22 2.30
CA LEU A 252 -3.59 4.45 3.54
C LEU A 252 -2.48 4.94 4.44
N ASP A 253 -1.30 5.13 3.85
CA ASP A 253 -0.14 5.70 4.56
C ASP A 253 -0.33 7.09 5.16
N ALA A 254 -1.24 7.88 4.63
CA ALA A 254 -1.51 9.15 5.27
C ALA A 254 -2.32 8.78 6.50
N SER A 255 -3.54 8.34 6.29
CA SER A 255 -4.42 8.12 7.39
C SER A 255 -3.68 7.42 8.54
N GLU A 256 -2.93 6.36 8.25
CA GLU A 256 -2.15 5.71 9.29
C GLU A 256 -1.32 6.73 10.06
N THR A 257 -0.49 7.50 9.37
CA THR A 257 0.37 8.44 10.10
C THR A 257 -0.47 9.51 10.79
N THR A 258 -1.49 10.01 10.11
CA THR A 258 -2.37 11.03 10.68
C THR A 258 -3.09 10.51 11.93
N SER A 259 -3.41 9.23 11.99
CA SER A 259 -3.96 8.67 13.22
C SER A 259 -2.89 8.58 14.29
N THR A 260 -1.77 7.96 13.93
CA THR A 260 -0.65 7.80 14.86
C THR A 260 -0.34 9.11 15.56
N ARG A 261 -0.14 10.18 14.82
CA ARG A 261 0.03 11.51 15.43
C ARG A 261 -1.01 11.76 16.47
N LYS A 262 -2.29 11.56 16.11
CA LYS A 262 -3.37 11.89 17.04
C LYS A 262 -3.21 11.16 18.38
N ILE A 263 -2.70 9.94 18.32
CA ILE A 263 -2.43 9.20 19.54
C ILE A 263 -1.23 9.78 20.27
N LYS A 264 -0.15 10.02 19.55
CA LYS A 264 1.01 10.67 20.14
C LYS A 264 0.70 12.08 20.68
N GLU A 265 -0.15 12.84 20.02
CA GLU A 265 -0.48 14.13 20.56
C GLU A 265 -1.08 13.94 21.97
N GLU A 266 -1.91 12.93 22.16
CA GLU A 266 -2.54 12.73 23.43
C GLU A 266 -1.52 12.31 24.45
N GLU A 267 -0.65 11.38 24.08
CA GLU A 267 0.43 10.96 24.96
C GLU A 267 1.12 12.20 25.50
N LYS A 268 1.47 13.13 24.61
CA LYS A 268 2.19 14.33 25.01
C LYS A 268 1.31 15.15 25.92
N ARG A 269 0.05 15.27 25.58
CA ARG A 269 -0.88 16.08 26.36
C ARG A 269 -0.83 15.61 27.79
N VAL A 270 -0.88 14.29 27.99
CA VAL A 270 -1.00 13.81 29.33
C VAL A 270 0.37 13.87 29.98
N ASN A 271 1.44 13.42 29.33
CA ASN A 271 2.75 13.53 29.99
C ASN A 271 3.12 14.98 30.30
N SER A 272 2.54 15.94 29.60
CA SER A 272 2.69 17.32 30.04
C SER A 272 2.01 17.60 31.40
N GLN A 273 0.88 16.98 31.66
CA GLN A 273 0.21 17.24 32.89
C GLN A 273 1.04 16.70 34.02
N PHE A 274 1.53 15.48 33.86
CA PHE A 274 2.47 14.93 34.83
C PHE A 274 3.75 15.76 34.98
N ASP A 275 4.34 16.21 33.87
CA ASP A 275 5.44 17.14 34.02
C ASP A 275 5.03 18.25 34.97
N THR A 276 3.87 18.86 34.77
CA THR A 276 3.45 19.93 35.66
C THR A 276 3.31 19.46 37.11
N ILE A 277 2.91 18.22 37.30
CA ILE A 277 2.79 17.70 38.66
C ILE A 277 4.18 17.46 39.25
N TYR A 278 5.08 16.96 38.44
CA TYR A 278 6.43 16.75 38.91
C TYR A 278 7.01 18.05 39.40
N GLN A 279 6.90 19.09 38.59
CA GLN A 279 7.38 20.43 38.92
C GLN A 279 6.88 20.83 40.31
N ILE A 280 5.61 20.59 40.59
CA ILE A 280 5.00 21.01 41.83
C ILE A 280 5.63 20.25 42.97
N LEU A 281 5.89 18.98 42.74
CA LEU A 281 6.39 18.13 43.80
C LEU A 281 7.86 18.40 44.06
N LEU A 282 8.62 18.66 43.03
CA LEU A 282 10.06 18.88 43.20
C LEU A 282 10.20 20.14 44.00
N LYS A 283 9.47 21.17 43.61
CA LYS A 283 9.54 22.43 44.34
C LYS A 283 9.21 22.20 45.80
N LYS A 284 8.25 21.34 46.13
CA LYS A 284 7.98 21.04 47.53
C LYS A 284 9.18 20.44 48.21
N LYS A 285 9.74 19.39 47.60
CA LYS A 285 10.86 18.66 48.15
C LYS A 285 11.94 19.67 48.40
N SER A 286 12.28 20.48 47.41
CA SER A 286 13.37 21.43 47.60
C SER A 286 13.20 22.39 48.77
N GLU A 287 11.98 22.92 48.93
CA GLU A 287 11.74 23.90 49.98
C GLU A 287 11.96 23.24 51.30
N ILE A 288 11.59 21.96 51.40
CA ILE A 288 11.68 21.26 52.66
C ILE A 288 13.13 20.92 52.91
N GLN A 289 13.78 20.34 51.90
CA GLN A 289 15.16 19.84 52.06
C GLN A 289 16.08 20.98 52.43
N THR A 290 15.91 22.12 51.75
CA THR A 290 16.56 23.37 52.17
C THR A 290 16.34 23.72 53.63
N LEU A 291 15.10 23.69 54.08
CA LEU A 291 14.82 24.19 55.40
C LEU A 291 15.32 23.24 56.47
N LYS A 292 15.31 21.96 56.14
CA LYS A 292 15.97 20.97 56.98
C LYS A 292 17.45 21.32 57.14
N GLU A 293 18.14 21.52 56.02
CA GLU A 293 19.56 21.87 56.04
C GLU A 293 19.84 23.16 56.79
N GLU A 294 19.01 24.16 56.55
CA GLU A 294 19.09 25.38 57.33
C GLU A 294 18.94 25.08 58.80
N ILE A 295 17.79 24.54 59.21
CA ILE A 295 17.54 24.27 60.64
C ILE A 295 18.66 23.45 61.26
N GLU A 296 19.12 22.44 60.53
CA GLU A 296 20.20 21.58 61.01
C GLU A 296 21.46 22.35 61.40
N GLN A 297 22.06 23.04 60.43
CA GLN A 297 23.36 23.70 60.66
C GLN A 297 23.16 24.83 61.66
N SER A 298 21.92 25.27 61.81
CA SER A 298 21.59 26.24 62.80
C SER A 298 21.74 25.71 64.20
N LEU A 299 21.48 24.43 64.43
CA LEU A 299 21.65 23.88 65.81
C LEU A 299 23.09 23.84 66.31
N THR A 300 24.04 23.95 65.39
CA THR A 300 25.42 24.28 65.75
C THR A 300 25.46 25.50 66.67
N LYS A 301 24.80 26.56 66.23
CA LYS A 301 25.01 27.88 66.79
C LYS A 301 24.21 28.14 68.05
N ARG A 302 23.01 27.56 68.16
CA ARG A 302 22.23 27.63 69.40
C ARG A 302 21.85 29.07 69.74
N ASP A 303 21.09 29.69 68.85
CA ASP A 303 20.52 31.00 69.15
C ASP A 303 19.01 30.91 69.17
N GLU A 304 18.42 31.08 70.36
CA GLU A 304 16.97 30.86 70.52
C GLU A 304 16.15 31.81 69.63
N PHE A 305 16.77 32.92 69.21
CA PHE A 305 16.23 33.78 68.16
C PHE A 305 16.38 33.07 66.82
N GLU A 306 17.60 32.59 66.54
CA GLU A 306 17.83 31.72 65.38
C GLU A 306 16.65 30.75 65.31
N PHE A 307 16.27 30.17 66.45
CA PHE A 307 15.18 29.20 66.51
C PHE A 307 13.83 29.82 66.21
N LEU A 308 13.43 30.82 66.99
CA LEU A 308 12.20 31.56 66.70
C LEU A 308 11.99 31.80 65.19
N GLU A 309 13.06 32.21 64.52
CA GLU A 309 13.04 32.46 63.06
C GLU A 309 12.84 31.20 62.22
N LYS A 310 13.63 30.17 62.53
CA LYS A 310 13.54 28.91 61.84
C LYS A 310 12.20 28.24 62.15
N ALA A 311 11.68 28.48 63.36
CA ALA A 311 10.32 28.06 63.74
C ALA A 311 9.28 28.73 62.85
N SER A 312 9.31 30.07 62.76
CA SER A 312 8.41 30.80 61.83
C SER A 312 8.54 30.44 60.35
N LYS A 313 9.73 30.06 59.89
CA LYS A 313 9.87 29.52 58.54
C LYS A 313 9.10 28.21 58.35
N LEU A 314 9.05 27.39 59.40
CA LEU A 314 8.45 26.07 59.30
C LEU A 314 6.92 26.15 59.35
N ARG A 315 6.42 27.23 59.92
CA ARG A 315 4.99 27.50 59.95
C ARG A 315 4.43 27.84 58.56
N GLY A 316 5.30 28.30 57.67
CA GLY A 316 4.95 28.65 56.30
C GLY A 316 5.23 27.56 55.31
N ILE A 317 5.53 26.37 55.81
CA ILE A 317 5.58 25.16 55.01
C ILE A 317 4.49 24.14 55.30
N SER A 318 3.79 23.78 54.22
CA SER A 318 2.67 22.88 54.30
C SER A 318 3.07 21.52 54.91
N THR A 319 2.14 20.96 55.66
CA THR A 319 2.37 19.78 56.42
C THR A 319 1.59 18.63 55.79
N GLN A 320 0.85 18.91 54.70
CA GLN A 320 -0.10 17.95 54.09
C GLN A 320 0.49 17.24 52.89
N PRO A 321 -0.04 16.05 52.55
CA PRO A 321 0.42 15.41 51.32
C PRO A 321 0.11 16.28 50.13
N VAL A 322 0.76 16.02 49.00
CA VAL A 322 0.35 16.78 47.81
C VAL A 322 -0.66 15.94 47.05
N TYR A 323 -1.53 16.63 46.34
CA TYR A 323 -2.73 16.01 45.83
C TYR A 323 -2.49 15.70 44.39
N ILE A 324 -2.07 14.50 44.06
CA ILE A 324 -1.99 14.13 42.67
C ILE A 324 -3.38 13.95 42.04
N PRO A 325 -3.77 14.83 41.11
CA PRO A 325 -5.02 14.55 40.46
C PRO A 325 -4.85 13.45 39.47
N GLU A 326 -5.94 12.94 38.94
CA GLU A 326 -5.82 11.79 38.07
C GLU A 326 -5.73 12.27 36.66
N VAL A 327 -4.67 11.86 36.00
CA VAL A 327 -4.49 12.20 34.61
C VAL A 327 -4.61 10.90 33.88
N GLU A 328 -5.48 10.85 32.88
CA GLU A 328 -5.68 9.66 32.10
C GLU A 328 -5.63 10.04 30.64
N LEU A 329 -4.91 9.23 29.84
CA LEU A 329 -5.15 9.15 28.38
C LEU A 329 -6.63 9.08 28.05
N ASN A 330 -7.10 9.94 27.15
CA ASN A 330 -8.52 9.96 26.84
C ASN A 330 -8.92 8.66 26.15
N HIS A 331 -9.59 7.78 26.88
CA HIS A 331 -9.75 6.43 26.38
C HIS A 331 -10.77 6.31 25.28
N LYS A 332 -11.80 7.15 25.33
CA LYS A 332 -12.80 7.15 24.28
C LYS A 332 -12.14 7.56 22.96
N LEU A 333 -11.31 8.61 23.00
CA LEU A 333 -10.65 9.09 21.79
C LEU A 333 -9.81 7.99 21.18
N ILE A 334 -9.00 7.33 21.99
CA ILE A 334 -8.15 6.25 21.51
C ILE A 334 -8.93 5.01 21.03
N LYS A 335 -9.75 4.40 21.90
CA LYS A 335 -10.61 3.30 21.46
C LYS A 335 -11.23 3.72 20.15
N GLY A 336 -11.94 4.84 20.18
CA GLY A 336 -12.60 5.41 19.01
C GLY A 336 -11.82 5.22 17.73
N ILE A 337 -10.57 5.68 17.73
CA ILE A 337 -9.69 5.45 16.62
C ILE A 337 -9.49 3.96 16.40
N HIS A 338 -8.92 3.26 17.38
CA HIS A 338 -8.51 1.89 17.13
C HIS A 338 -9.59 1.08 16.40
N GLN A 339 -10.78 1.04 17.00
CA GLN A 339 -11.94 0.37 16.41
C GLN A 339 -12.20 0.94 15.04
N SER A 340 -12.25 2.25 14.93
CA SER A 340 -12.56 2.89 13.65
C SER A 340 -11.64 2.52 12.50
N THR A 341 -10.34 2.35 12.75
CA THR A 341 -9.45 1.85 11.70
C THR A 341 -9.78 0.39 11.36
N ILE A 342 -10.30 -0.38 12.32
CA ILE A 342 -10.80 -1.72 11.98
C ILE A 342 -12.03 -1.61 11.04
N ASP A 343 -12.96 -0.72 11.42
CA ASP A 343 -14.14 -0.41 10.61
C ASP A 343 -13.78 0.01 9.16
N LEU A 344 -12.56 0.54 8.97
CA LEU A 344 -12.02 0.77 7.63
C LEU A 344 -11.56 -0.53 7.02
N LYS A 345 -10.69 -1.26 7.71
CA LYS A 345 -10.17 -2.51 7.16
C LYS A 345 -11.32 -3.33 6.64
N ASN A 346 -12.34 -3.52 7.47
CA ASN A 346 -13.44 -4.37 7.05
C ASN A 346 -14.19 -3.84 5.83
N GLU A 347 -14.43 -2.53 5.78
CA GLU A 347 -15.13 -1.98 4.62
C GLU A 347 -14.25 -1.94 3.38
N LEU A 348 -12.94 -1.82 3.55
CA LEU A 348 -12.04 -1.97 2.40
C LEU A 348 -12.04 -3.41 1.90
N LYS A 349 -12.09 -4.36 2.83
CA LYS A 349 -12.18 -5.77 2.49
C LYS A 349 -13.46 -6.01 1.69
N GLN A 350 -14.57 -5.46 2.19
CA GLN A 350 -15.85 -5.69 1.52
C GLN A 350 -16.00 -4.99 0.19
N CYS A 351 -15.27 -3.90 -0.02
CA CYS A 351 -15.24 -3.29 -1.34
C CYS A 351 -14.49 -4.22 -2.28
N ILE A 352 -13.26 -4.57 -1.90
CA ILE A 352 -12.46 -5.50 -2.68
C ILE A 352 -13.22 -6.77 -3.03
N GLY A 353 -14.07 -7.23 -2.12
CA GLY A 353 -14.94 -8.36 -2.43
C GLY A 353 -15.74 -8.13 -3.70
N ARG A 354 -16.80 -7.32 -3.58
CA ARG A 354 -17.75 -7.11 -4.68
C ARG A 354 -17.11 -6.41 -5.89
N LEU A 355 -16.18 -5.49 -5.68
CA LEU A 355 -15.43 -4.85 -6.77
C LEU A 355 -14.36 -5.77 -7.37
N GLN A 356 -14.52 -7.07 -7.11
CA GLN A 356 -13.65 -8.12 -7.66
C GLN A 356 -14.43 -9.38 -8.14
N GLU A 357 -15.74 -9.45 -7.90
CA GLU A 357 -16.58 -10.53 -8.46
C GLU A 357 -17.63 -10.05 -9.47
N SER B 195 11.63 27.65 77.02
CA SER B 195 12.92 28.14 76.49
C SER B 195 13.57 27.05 75.59
N ALA B 196 14.20 26.05 76.22
CA ALA B 196 14.81 24.90 75.54
C ALA B 196 13.78 23.93 74.97
N ASP B 197 12.48 24.09 75.30
CA ASP B 197 11.36 23.37 74.66
C ASP B 197 11.33 23.60 73.16
N LEU B 198 11.55 24.85 72.77
CA LEU B 198 11.66 25.27 71.38
C LEU B 198 12.67 24.41 70.62
N GLU B 199 13.89 24.23 71.14
CA GLU B 199 14.92 23.42 70.45
C GLU B 199 14.51 21.97 70.24
N ALA B 200 13.90 21.39 71.26
CA ALA B 200 13.46 20.02 71.21
C ALA B 200 12.28 19.87 70.22
N THR B 201 11.42 20.91 70.13
CA THR B 201 10.35 20.88 69.13
C THR B 201 11.02 20.84 67.77
N LEU B 202 12.02 21.71 67.55
CA LEU B 202 12.74 21.70 66.28
C LEU B 202 13.30 20.32 65.94
N ARG B 203 13.87 19.64 66.92
CA ARG B 203 14.48 18.33 66.68
C ARG B 203 13.45 17.36 66.15
N HIS B 204 12.29 17.38 66.79
CA HIS B 204 11.21 16.51 66.40
C HIS B 204 10.72 16.87 65.01
N LYS B 205 10.67 18.17 64.72
CA LYS B 205 10.21 18.63 63.40
C LYS B 205 11.16 18.13 62.33
N LEU B 206 12.44 18.23 62.62
CA LEU B 206 13.43 17.73 61.71
C LEU B 206 13.07 16.32 61.29
N THR B 207 12.62 15.53 62.25
CA THR B 207 12.29 14.10 62.06
C THR B 207 11.13 13.91 61.15
N VAL B 208 10.15 14.79 61.31
CA VAL B 208 8.92 14.74 60.53
C VAL B 208 9.23 15.15 59.11
N MSE B 209 10.05 16.18 58.97
CA MSE B 209 10.49 16.66 57.68
C MSE B 209 11.11 15.57 56.90
O MSE B 209 10.70 15.32 55.78
CB MSE B 209 11.52 17.72 57.84
CG MSE B 209 10.75 18.96 58.14
SE MSE B 209 12.01 20.42 58.55
CE MSE B 209 11.83 21.32 56.79
N TYR B 210 12.08 14.91 57.49
CA TYR B 210 12.71 13.80 56.83
C TYR B 210 11.63 12.90 56.23
N SER B 211 10.53 12.68 56.95
CA SER B 211 9.48 11.75 56.45
C SER B 211 8.69 12.36 55.32
N GLN B 212 8.42 13.65 55.43
CA GLN B 212 7.78 14.35 54.33
C GLN B 212 8.61 14.27 53.05
N ILE B 213 9.93 14.24 53.18
CA ILE B 213 10.77 14.32 51.99
C ILE B 213 10.60 13.06 51.27
N ASN B 214 10.55 11.97 52.02
CA ASN B 214 10.37 10.71 51.36
C ASN B 214 9.02 10.61 50.74
N GLY B 215 8.00 11.12 51.43
CA GLY B 215 6.68 11.15 50.84
C GLY B 215 6.73 11.79 49.47
N ALA B 216 7.48 12.88 49.37
CA ALA B 216 7.59 13.60 48.13
C ALA B 216 8.35 12.74 47.15
N SER B 217 9.43 12.11 47.61
CA SER B 217 10.22 11.34 46.67
C SER B 217 9.45 10.15 46.17
N ARG B 218 8.61 9.55 47.00
CA ARG B 218 7.74 8.48 46.53
C ARG B 218 6.83 9.02 45.48
N ALA B 219 6.28 10.21 45.72
CA ALA B 219 5.32 10.77 44.80
C ALA B 219 5.99 11.10 43.50
N LEU B 220 7.23 11.59 43.54
CA LEU B 220 7.93 11.92 42.31
C LEU B 220 8.16 10.65 41.54
N ASP B 221 8.57 9.57 42.19
CA ASP B 221 8.84 8.33 41.45
C ASP B 221 7.55 7.84 40.87
N ASP B 222 6.48 8.05 41.62
CA ASP B 222 5.18 7.59 41.18
C ASP B 222 4.80 8.26 39.83
N VAL B 223 5.06 9.55 39.70
CA VAL B 223 4.67 10.27 38.51
C VAL B 223 5.48 9.80 37.33
N ARG B 224 6.78 9.59 37.54
CA ARG B 224 7.67 9.15 36.47
C ARG B 224 7.19 7.81 36.01
N ASN B 225 6.59 7.05 36.91
CA ASN B 225 6.12 5.75 36.52
C ASN B 225 4.80 5.79 35.86
N ARG B 226 3.95 6.72 36.21
CA ARG B 226 2.68 6.77 35.48
C ARG B 226 2.95 7.30 34.07
N GLN B 227 4.03 8.05 33.91
CA GLN B 227 4.37 8.62 32.64
C GLN B 227 4.84 7.51 31.68
N GLN B 228 5.64 6.57 32.19
CA GLN B 228 6.08 5.43 31.39
C GLN B 228 4.90 4.56 30.99
N ASP B 229 4.01 4.26 31.94
CA ASP B 229 2.84 3.45 31.62
C ASP B 229 2.09 4.07 30.46
N VAL B 230 1.92 5.38 30.54
CA VAL B 230 1.25 6.12 29.50
C VAL B 230 1.98 5.95 28.17
N ARG B 231 3.29 6.09 28.19
CA ARG B 231 4.10 5.86 26.97
C ARG B 231 3.95 4.45 26.43
N MSE B 232 3.96 3.47 27.33
CA MSE B 232 3.79 2.08 26.91
C MSE B 232 2.45 1.98 26.25
O MSE B 232 2.37 1.54 25.12
CB MSE B 232 3.93 1.04 28.03
CG MSE B 232 5.22 0.21 27.89
SE MSE B 232 6.77 0.69 29.05
CE MSE B 232 7.58 -1.11 29.14
N THR B 233 1.37 2.34 26.93
CA THR B 233 0.04 2.16 26.36
C THR B 233 -0.16 2.88 25.02
N ALA B 234 0.51 4.00 24.83
CA ALA B 234 0.42 4.68 23.54
C ALA B 234 1.02 3.77 22.49
N ASN B 235 2.29 3.44 22.66
CA ASN B 235 3.02 2.64 21.68
C ASN B 235 2.29 1.36 21.37
N ARG B 236 1.74 0.76 22.41
CA ARG B 236 0.92 -0.38 22.24
C ARG B 236 -0.12 -0.05 21.18
N LYS B 237 -0.89 1.01 21.37
CA LYS B 237 -2.00 1.28 20.47
C LYS B 237 -1.53 1.70 19.09
N VAL B 238 -0.38 2.33 18.98
CA VAL B 238 0.16 2.63 17.70
C VAL B 238 0.50 1.31 16.99
N GLU B 239 1.24 0.43 17.68
CA GLU B 239 1.61 -0.88 17.12
C GLU B 239 0.36 -1.63 16.67
N GLN B 240 -0.72 -1.47 17.40
CA GLN B 240 -1.96 -2.09 17.00
C GLN B 240 -2.47 -1.48 15.74
N LEU B 241 -2.44 -0.18 15.64
CA LEU B 241 -3.11 0.31 14.47
C LEU B 241 -2.19 0.16 13.30
N GLN B 242 -0.88 0.20 13.54
CA GLN B 242 0.07 -0.12 12.49
C GLN B 242 -0.29 -1.49 11.86
N GLN B 243 -0.63 -2.49 12.66
CA GLN B 243 -0.92 -3.80 12.10
C GLN B 243 -2.10 -3.72 11.11
N GLU B 244 -3.20 -3.12 11.51
CA GLU B 244 -4.34 -2.98 10.60
C GLU B 244 -3.84 -2.56 9.22
N TYR B 245 -3.11 -1.46 9.15
CA TYR B 245 -2.62 -0.97 7.86
C TYR B 245 -1.74 -2.00 7.14
N THR B 246 -0.90 -2.71 7.86
CA THR B 246 -0.12 -3.74 7.19
C THR B 246 -1.05 -4.76 6.53
N GLU B 247 -2.03 -5.19 7.29
CA GLU B 247 -3.00 -6.17 6.85
C GLU B 247 -3.84 -5.59 5.70
N MSE B 248 -4.10 -4.29 5.77
CA MSE B 248 -4.78 -3.61 4.68
C MSE B 248 -3.92 -3.74 3.47
O MSE B 248 -4.38 -4.13 2.41
CB MSE B 248 -5.09 -2.13 4.97
CG MSE B 248 -6.05 -1.96 6.17
SE MSE B 248 -7.03 -0.26 6.11
CE MSE B 248 -6.85 0.45 7.92
N LYS B 249 -2.62 -3.45 3.59
CA LYS B 249 -1.76 -3.52 2.44
C LYS B 249 -1.76 -4.94 1.86
N ALA B 250 -1.75 -5.96 2.69
CA ALA B 250 -1.78 -7.31 2.17
C ALA B 250 -3.03 -7.51 1.28
N LEU B 251 -4.19 -7.05 1.74
CA LEU B 251 -5.42 -7.16 0.95
C LEU B 251 -5.37 -6.41 -0.38
N LEU B 252 -4.84 -5.20 -0.36
CA LEU B 252 -4.71 -4.43 -1.61
C LEU B 252 -3.81 -5.16 -2.57
N ASP B 253 -2.66 -5.61 -2.06
CA ASP B 253 -1.70 -6.42 -2.80
C ASP B 253 -2.28 -7.71 -3.38
N ALA B 254 -3.31 -8.30 -2.78
CA ALA B 254 -3.87 -9.47 -3.42
C ALA B 254 -4.66 -8.94 -4.61
N SER B 255 -5.73 -8.19 -4.35
CA SER B 255 -6.59 -7.75 -5.42
C SER B 255 -5.77 -7.19 -6.62
N GLU B 256 -4.77 -6.35 -6.36
CA GLU B 256 -3.86 -5.91 -7.43
C GLU B 256 -3.32 -7.07 -8.24
N THR B 257 -2.69 -8.05 -7.59
CA THR B 257 -2.15 -9.23 -8.28
C THR B 257 -3.25 -9.99 -9.00
N THR B 258 -4.34 -10.26 -8.29
CA THR B 258 -5.44 -11.03 -8.86
C THR B 258 -5.99 -10.35 -10.09
N SER B 259 -5.99 -9.01 -10.14
CA SER B 259 -6.50 -8.34 -11.30
C SER B 259 -5.49 -8.45 -12.41
N THR B 260 -4.25 -8.08 -12.09
CA THR B 260 -3.16 -8.10 -13.05
C THR B 260 -3.16 -9.39 -13.81
N ARG B 261 -3.13 -10.50 -13.09
CA ARG B 261 -3.23 -11.80 -13.70
C ARG B 261 -4.43 -11.88 -14.68
N LYS B 262 -5.62 -11.44 -14.27
CA LYS B 262 -6.77 -11.50 -15.18
C LYS B 262 -6.46 -10.76 -16.50
N ILE B 263 -5.70 -9.70 -16.44
CA ILE B 263 -5.38 -8.96 -17.62
C ILE B 263 -4.41 -9.73 -18.42
N LYS B 264 -3.36 -10.20 -17.77
CA LYS B 264 -2.36 -11.01 -18.46
C LYS B 264 -2.98 -12.28 -19.03
N GLU B 265 -3.94 -12.89 -18.35
CA GLU B 265 -4.53 -14.06 -18.93
C GLU B 265 -5.15 -13.68 -20.26
N GLU B 266 -5.76 -12.51 -20.36
CA GLU B 266 -6.37 -12.13 -21.62
C GLU B 266 -5.32 -11.87 -22.71
N GLU B 267 -4.29 -11.14 -22.37
CA GLU B 267 -3.21 -10.90 -23.28
C GLU B 267 -2.80 -12.22 -23.87
N LYS B 268 -2.60 -13.22 -23.02
CA LYS B 268 -2.10 -14.50 -23.44
C LYS B 268 -3.12 -15.17 -24.30
N ARG B 269 -4.38 -15.08 -23.92
CA ARG B 269 -5.47 -15.65 -24.70
C ARG B 269 -5.37 -15.16 -26.10
N VAL B 270 -5.20 -13.86 -26.28
CA VAL B 270 -5.28 -13.32 -27.60
C VAL B 270 -4.02 -13.60 -28.38
N ASN B 271 -2.85 -13.31 -27.82
CA ASN B 271 -1.62 -13.61 -28.55
C ASN B 271 -1.55 -15.12 -28.89
N SER B 272 -2.26 -15.97 -28.14
CA SER B 272 -2.35 -17.38 -28.59
C SER B 272 -3.14 -17.55 -29.85
N GLN B 273 -4.18 -16.76 -30.03
CA GLN B 273 -5.01 -16.93 -31.18
C GLN B 273 -4.22 -16.54 -32.37
N PHE B 274 -3.52 -15.43 -32.25
CA PHE B 274 -2.65 -15.02 -33.31
C PHE B 274 -1.57 -16.08 -33.60
N ASP B 275 -0.95 -16.62 -32.57
CA ASP B 275 0.00 -17.71 -32.82
C ASP B 275 -0.67 -18.75 -33.68
N THR B 276 -1.91 -19.15 -33.35
CA THR B 276 -2.58 -20.12 -34.19
C THR B 276 -2.85 -19.60 -35.60
N ILE B 277 -3.12 -18.32 -35.76
CA ILE B 277 -3.31 -17.77 -37.10
C ILE B 277 -2.00 -17.79 -37.85
N TYR B 278 -0.91 -17.42 -37.17
CA TYR B 278 0.40 -17.39 -37.84
C TYR B 278 0.66 -18.75 -38.44
N GLN B 279 0.48 -19.81 -37.65
CA GLN B 279 0.71 -21.15 -38.14
C GLN B 279 -0.04 -21.37 -39.44
N ILE B 280 -1.30 -20.98 -39.43
CA ILE B 280 -2.19 -21.30 -40.53
C ILE B 280 -1.75 -20.55 -41.76
N LEU B 281 -1.25 -19.34 -41.58
CA LEU B 281 -0.86 -18.55 -42.68
C LEU B 281 0.42 -19.05 -43.29
N LEU B 282 1.39 -19.49 -42.49
CA LEU B 282 2.64 -19.95 -43.06
C LEU B 282 2.31 -21.10 -43.96
N LYS B 283 1.51 -22.04 -43.49
CA LYS B 283 1.16 -23.13 -44.38
C LYS B 283 0.63 -22.60 -45.68
N LYS B 284 -0.35 -21.72 -45.62
CA LYS B 284 -0.95 -21.22 -46.85
C LYS B 284 0.09 -20.65 -47.82
N LYS B 285 1.08 -20.00 -47.25
CA LYS B 285 2.11 -19.46 -48.03
C LYS B 285 2.85 -20.61 -48.62
N SER B 286 3.42 -21.51 -47.84
CA SER B 286 4.26 -22.54 -48.46
C SER B 286 3.49 -23.42 -49.47
N GLU B 287 2.24 -23.72 -49.19
CA GLU B 287 1.51 -24.51 -50.15
C GLU B 287 1.32 -23.81 -51.48
N ILE B 288 1.09 -22.50 -51.42
CA ILE B 288 0.85 -21.72 -52.63
C ILE B 288 2.17 -21.67 -53.37
N GLN B 289 3.23 -21.48 -52.61
CA GLN B 289 4.58 -21.60 -53.11
C GLN B 289 4.83 -22.89 -53.89
N THR B 290 4.45 -24.02 -53.34
CA THR B 290 4.58 -25.24 -54.07
C THR B 290 3.83 -25.21 -55.41
N LEU B 291 2.63 -24.71 -55.45
CA LEU B 291 1.85 -24.75 -56.68
C LEU B 291 2.38 -23.78 -57.70
N LYS B 292 2.91 -22.65 -57.24
CA LYS B 292 3.72 -21.79 -58.10
C LYS B 292 4.87 -22.60 -58.74
N GLU B 293 5.67 -23.27 -57.91
CA GLU B 293 6.80 -24.06 -58.37
C GLU B 293 6.40 -25.16 -59.33
N GLU B 294 5.33 -25.87 -59.01
CA GLU B 294 4.75 -26.83 -59.94
C GLU B 294 4.36 -26.14 -61.26
N ILE B 295 3.43 -25.18 -61.20
CA ILE B 295 2.93 -24.53 -62.43
C ILE B 295 4.06 -23.98 -63.26
N GLU B 296 5.03 -23.33 -62.62
CA GLU B 296 6.14 -22.72 -63.35
C GLU B 296 6.93 -23.81 -64.10
N GLN B 297 7.43 -24.81 -63.38
CA GLN B 297 8.31 -25.80 -63.98
C GLN B 297 7.52 -26.65 -64.98
N SER B 298 6.19 -26.58 -64.90
CA SER B 298 5.32 -27.18 -65.91
C SER B 298 5.46 -26.45 -67.23
N LEU B 299 5.46 -25.13 -67.21
CA LEU B 299 5.66 -24.42 -68.45
C LEU B 299 7.18 -24.36 -68.87
N THR B 300 8.09 -24.98 -68.10
CA THR B 300 9.41 -25.36 -68.62
C THR B 300 9.24 -26.14 -69.92
N LYS B 301 8.38 -27.16 -69.85
CA LYS B 301 8.26 -28.20 -70.88
C LYS B 301 6.91 -28.06 -71.53
N ARG B 302 6.73 -26.96 -72.26
CA ARG B 302 5.48 -26.66 -72.97
C ARG B 302 5.21 -27.54 -74.16
N ASP B 303 6.24 -28.10 -74.78
CA ASP B 303 6.06 -28.71 -76.09
C ASP B 303 6.09 -30.24 -76.05
N GLU B 304 6.41 -30.81 -74.88
CA GLU B 304 6.20 -32.24 -74.64
C GLU B 304 4.71 -32.49 -74.80
N PHE B 305 4.33 -33.69 -75.25
CA PHE B 305 2.93 -34.03 -75.39
C PHE B 305 2.27 -34.08 -73.98
N GLU B 306 3.04 -34.54 -72.98
CA GLU B 306 2.66 -34.65 -71.55
C GLU B 306 2.20 -33.35 -70.86
N PHE B 307 2.58 -32.20 -71.44
CA PHE B 307 2.21 -30.90 -70.88
C PHE B 307 0.70 -30.70 -70.94
N LEU B 308 0.08 -30.83 -72.11
CA LEU B 308 -1.37 -30.60 -72.17
C LEU B 308 -2.12 -31.37 -71.04
N GLU B 309 -1.65 -32.58 -70.67
CA GLU B 309 -2.22 -33.32 -69.52
C GLU B 309 -1.94 -32.67 -68.17
N LYS B 310 -0.66 -32.37 -67.94
CA LYS B 310 -0.24 -31.78 -66.67
C LYS B 310 -0.82 -30.39 -66.51
N ALA B 311 -0.97 -29.68 -67.62
CA ALA B 311 -1.41 -28.29 -67.58
C ALA B 311 -2.86 -28.17 -67.10
N SER B 312 -3.78 -28.86 -67.77
CA SER B 312 -5.19 -28.85 -67.37
C SER B 312 -5.44 -29.34 -65.92
N LYS B 313 -4.61 -30.25 -65.41
CA LYS B 313 -4.66 -30.65 -64.00
C LYS B 313 -4.39 -29.48 -63.07
N LEU B 314 -3.46 -28.62 -63.46
CA LEU B 314 -3.02 -27.55 -62.58
C LEU B 314 -3.98 -26.36 -62.65
N ARG B 315 -4.78 -26.30 -63.70
CA ARG B 315 -5.83 -25.28 -63.81
C ARG B 315 -6.99 -25.50 -62.85
N GLY B 316 -7.14 -26.74 -62.40
CA GLY B 316 -8.18 -27.04 -61.41
C GLY B 316 -7.76 -26.68 -59.99
N ILE B 317 -6.46 -26.49 -59.79
CA ILE B 317 -5.92 -26.29 -58.45
C ILE B 317 -5.86 -24.77 -58.28
N SER B 318 -6.96 -24.21 -57.81
CA SER B 318 -7.03 -22.81 -57.53
C SER B 318 -6.80 -22.56 -56.04
N THR B 319 -6.35 -21.34 -55.73
CA THR B 319 -6.06 -20.92 -54.38
C THR B 319 -6.61 -19.56 -54.12
N GLN B 320 -6.62 -19.16 -52.84
CA GLN B 320 -7.12 -17.83 -52.46
C GLN B 320 -6.45 -17.11 -51.28
N PRO B 321 -6.60 -15.80 -51.26
CA PRO B 321 -5.89 -15.08 -50.24
C PRO B 321 -6.14 -15.55 -48.81
N VAL B 322 -5.28 -15.07 -47.92
CA VAL B 322 -5.29 -15.46 -46.53
C VAL B 322 -6.22 -14.55 -45.71
N TYR B 323 -6.94 -15.11 -44.75
CA TYR B 323 -8.05 -14.41 -44.11
C TYR B 323 -7.80 -14.19 -42.64
N ILE B 324 -7.14 -13.10 -42.21
CA ILE B 324 -7.04 -12.91 -40.74
C ILE B 324 -8.45 -12.75 -40.15
N PRO B 325 -8.90 -13.68 -39.30
CA PRO B 325 -10.17 -13.42 -38.63
C PRO B 325 -10.00 -12.37 -37.57
N GLU B 326 -11.10 -11.86 -37.06
CA GLU B 326 -11.01 -10.69 -36.23
C GLU B 326 -10.85 -11.18 -34.85
N VAL B 327 -9.76 -10.77 -34.22
CA VAL B 327 -9.58 -11.09 -32.84
C VAL B 327 -9.04 -9.89 -32.14
N GLU B 328 -9.48 -9.66 -30.91
CA GLU B 328 -8.83 -8.64 -30.11
C GLU B 328 -9.06 -8.83 -28.63
N LEU B 329 -8.22 -8.14 -27.86
CA LEU B 329 -8.38 -8.02 -26.41
C LEU B 329 -9.81 -7.64 -26.03
N ASN B 330 -10.41 -8.41 -25.14
CA ASN B 330 -11.76 -8.10 -24.75
C ASN B 330 -11.80 -6.76 -24.03
N HIS B 331 -12.25 -5.71 -24.71
CA HIS B 331 -12.03 -4.38 -24.18
C HIS B 331 -13.01 -4.01 -23.07
N LYS B 332 -14.21 -4.60 -23.11
CA LYS B 332 -15.17 -4.40 -22.02
C LYS B 332 -14.61 -5.01 -20.74
N LEU B 333 -14.08 -6.23 -20.81
CA LEU B 333 -13.51 -6.89 -19.62
C LEU B 333 -12.42 -6.05 -19.00
N ILE B 334 -11.49 -5.58 -19.83
CA ILE B 334 -10.37 -4.79 -19.35
C ILE B 334 -10.80 -3.42 -18.83
N LYS B 335 -11.46 -2.62 -19.67
CA LYS B 335 -12.05 -1.37 -19.20
C LYS B 335 -12.72 -1.65 -17.84
N GLY B 336 -13.67 -2.56 -17.85
CA GLY B 336 -14.41 -2.98 -16.65
C GLY B 336 -13.56 -3.06 -15.40
N ILE B 337 -12.46 -3.78 -15.50
CA ILE B 337 -11.47 -3.80 -14.45
C ILE B 337 -10.93 -2.40 -14.22
N HIS B 338 -10.26 -1.80 -15.20
CA HIS B 338 -9.51 -0.56 -14.95
C HIS B 338 -10.32 0.45 -14.15
N GLN B 339 -11.50 0.75 -14.67
CA GLN B 339 -12.45 1.61 -13.99
C GLN B 339 -12.71 1.04 -12.59
N SER B 340 -13.05 -0.23 -12.50
CA SER B 340 -13.46 -0.81 -11.22
C SER B 340 -12.42 -0.67 -10.12
N THR B 341 -11.14 -0.78 -10.45
CA THR B 341 -10.11 -0.52 -9.46
C THR B 341 -10.08 0.97 -9.10
N ILE B 342 -10.47 1.86 -10.02
CA ILE B 342 -10.69 3.27 -9.63
C ILE B 342 -11.84 3.38 -8.63
N ASP B 343 -12.93 2.71 -8.96
CA ASP B 343 -14.14 2.65 -8.11
C ASP B 343 -13.82 2.14 -6.69
N LEU B 344 -12.74 1.37 -6.57
CA LEU B 344 -12.18 1.02 -5.26
C LEU B 344 -11.45 2.21 -4.68
N LYS B 345 -10.48 2.75 -5.40
CA LYS B 345 -9.70 3.84 -4.86
C LYS B 345 -10.64 4.89 -4.29
N ASN B 346 -11.64 5.28 -5.06
CA ASN B 346 -12.53 6.31 -4.60
C ASN B 346 -13.30 5.90 -3.37
N GLU B 347 -13.78 4.66 -3.31
CA GLU B 347 -14.50 4.22 -2.12
C GLU B 347 -13.57 4.04 -0.90
N LEU B 348 -12.33 3.68 -1.13
CA LEU B 348 -11.36 3.67 -0.04
C LEU B 348 -11.08 5.07 0.45
N LYS B 349 -11.01 6.01 -0.49
CA LYS B 349 -10.82 7.41 -0.15
C LYS B 349 -12.00 7.87 0.70
N GLN B 350 -13.21 7.53 0.28
CA GLN B 350 -14.39 7.99 1.01
C GLN B 350 -14.56 7.33 2.38
N CYS B 351 -14.01 6.14 2.57
CA CYS B 351 -14.00 5.54 3.93
C CYS B 351 -12.99 6.27 4.83
N ILE B 352 -11.78 6.44 4.33
CA ILE B 352 -10.76 7.27 5.03
C ILE B 352 -11.36 8.63 5.38
N GLY B 353 -12.29 9.09 4.55
CA GLY B 353 -13.17 10.18 4.94
C GLY B 353 -13.81 9.98 6.29
N ARG B 354 -14.86 9.16 6.35
CA ARG B 354 -15.73 9.11 7.54
C ARG B 354 -15.01 8.66 8.83
N LEU B 355 -14.01 7.78 8.72
CA LEU B 355 -13.22 7.45 9.92
C LEU B 355 -12.34 8.61 10.41
N GLN B 356 -11.68 9.35 9.51
CA GLN B 356 -10.76 10.42 9.96
C GLN B 356 -11.46 11.77 10.08
#